data_2N4J
#
_entry.id   2N4J
#
_entity_poly.entity_id   1
_entity_poly.type   'polyribonucleotide'
_entity_poly.pdbx_seq_one_letter_code
;(8XG)(8XU)(8XG)(8XU)(8XA)(8XC)(8XA)(8XC)
;
_entity_poly.pdbx_strand_id   A,B
#